data_1K1B
#
_entry.id   1K1B
#
_cell.length_a   31.350
_cell.length_b   50.907
_cell.length_c   59.495
_cell.angle_alpha   90.00
_cell.angle_beta   102.04
_cell.angle_gamma   90.00
#
_symmetry.space_group_name_H-M   'P 1 21 1'
#
loop_
_entity.id
_entity.type
_entity.pdbx_description
1 polymer 'B-cell lymphoma 3-encoded protein'
2 water water
#
_entity_poly.entity_id   1
_entity_poly.type   'polypeptide(L)'
_entity_poly.pdbx_seq_one_letter_code
;MATRADEDGDTPLHIAVVQGNLPAVHRLVNLFQQGGRELDIYNNLRQTPLHLAVITTLPSVVRLLVTAGASPMALDRHGQ
TAAHLACEHRSPTCLRALLDSAAPGTLDLEARNYDGLTALHVAVNTECQETVQLLLERGADIDAVDIKSGRSPLIHAVEN
NSLSMVQLLLQHGANVNAQMYSGSSALHSASGRGLLPLVRTLVRSGADSSLKNCHNDTPLMVARSRRVIDILRGKATRPA
S
;
_entity_poly.pdbx_strand_id   A
#
# COMPACT_ATOMS: atom_id res chain seq x y z
N GLU A 7 -24.92 -22.17 -7.45
CA GLU A 7 -24.20 -23.44 -7.27
C GLU A 7 -22.73 -23.26 -7.63
N ASP A 8 -22.10 -24.52 -7.42
CA ASP A 8 -20.68 -24.32 -7.17
C ASP A 8 -19.94 -24.40 -8.50
N GLY A 9 -19.06 -23.43 -8.74
CA GLY A 9 -18.34 -23.41 -9.99
C GLY A 9 -18.99 -22.47 -10.99
N ASP A 10 -20.21 -22.04 -10.72
CA ASP A 10 -20.74 -21.01 -11.61
C ASP A 10 -20.91 -19.63 -10.99
N THR A 11 -20.20 -18.71 -11.62
CA THR A 11 -20.08 -17.37 -11.14
C THR A 11 -20.37 -16.42 -12.28
N PRO A 12 -21.66 -16.15 -12.52
CA PRO A 12 -22.06 -15.25 -13.60
C PRO A 12 -21.59 -13.83 -13.36
N LEU A 13 -21.59 -13.40 -12.09
CA LEU A 13 -21.22 -12.04 -11.78
C LEU A 13 -19.73 -11.86 -11.91
N HIS A 14 -18.96 -12.81 -11.37
CA HIS A 14 -17.51 -12.76 -11.52
C HIS A 14 -17.15 -12.74 -13.00
N ILE A 15 -17.83 -13.57 -13.78
CA ILE A 15 -17.53 -13.67 -15.21
C ILE A 15 -17.86 -12.39 -15.94
N ALA A 16 -18.98 -11.76 -15.61
CA ALA A 16 -19.39 -10.52 -16.24
C ALA A 16 -18.33 -9.46 -15.99
N VAL A 17 -17.76 -9.46 -14.79
CA VAL A 17 -16.72 -8.49 -14.44
C VAL A 17 -15.44 -8.70 -15.26
N VAL A 18 -14.92 -9.92 -15.27
CA VAL A 18 -13.70 -10.22 -16.00
C VAL A 18 -13.87 -9.96 -17.51
N GLN A 19 -15.11 -10.09 -18.00
CA GLN A 19 -15.38 -9.84 -19.42
C GLN A 19 -15.54 -8.35 -19.72
N GLY A 20 -15.42 -7.53 -18.68
CA GLY A 20 -15.52 -6.09 -18.84
C GLY A 20 -16.85 -5.65 -19.42
N ASN A 21 -17.92 -6.30 -18.98
CA ASN A 21 -19.27 -6.01 -19.47
C ASN A 21 -20.10 -5.29 -18.41
N LEU A 22 -19.96 -3.97 -18.36
CA LEU A 22 -20.66 -3.19 -17.34
C LEU A 22 -22.17 -3.37 -17.39
N PRO A 23 -22.76 -3.29 -18.59
CA PRO A 23 -24.20 -3.55 -18.74
C PRO A 23 -24.65 -4.89 -18.12
N ALA A 24 -23.87 -5.95 -18.31
CA ALA A 24 -24.21 -7.25 -17.73
C ALA A 24 -24.04 -7.26 -16.21
N VAL A 25 -23.02 -6.55 -15.72
CA VAL A 25 -22.79 -6.45 -14.28
C VAL A 25 -23.97 -5.75 -13.65
N HIS A 26 -24.41 -4.67 -14.29
CA HIS A 26 -25.55 -3.89 -13.84
C HIS A 26 -26.79 -4.80 -13.74
N ARG A 27 -27.07 -5.53 -14.81
CA ARG A 27 -28.20 -6.43 -14.86
C ARG A 27 -28.13 -7.47 -13.73
N LEU A 28 -26.94 -8.04 -13.53
CA LEU A 28 -26.75 -9.06 -12.51
C LEU A 28 -26.84 -8.51 -11.09
N VAL A 29 -26.27 -7.33 -10.87
CA VAL A 29 -26.38 -6.66 -9.56
C VAL A 29 -27.85 -6.51 -9.19
N ASN A 30 -28.65 -6.07 -10.15
CA ASN A 30 -30.09 -5.94 -9.95
C ASN A 30 -30.76 -7.28 -9.67
N LEU A 31 -30.31 -8.32 -10.38
CA LEU A 31 -30.85 -9.68 -10.20
C LEU A 31 -30.49 -10.28 -8.85
N PHE A 32 -29.26 -10.02 -8.40
CA PHE A 32 -28.82 -10.52 -7.10
C PHE A 32 -29.57 -9.82 -5.98
N GLN A 33 -29.68 -8.50 -6.09
CA GLN A 33 -30.37 -7.71 -5.09
C GLN A 33 -31.83 -8.08 -4.96
N GLN A 34 -32.54 -8.17 -6.08
CA GLN A 34 -33.94 -8.55 -6.06
C GLN A 34 -34.13 -9.94 -5.46
N GLY A 35 -33.11 -10.79 -5.63
CA GLY A 35 -33.15 -12.13 -5.07
C GLY A 35 -32.61 -12.18 -3.65
N GLY A 36 -32.20 -11.02 -3.14
CA GLY A 36 -31.67 -10.91 -1.78
C GLY A 36 -30.29 -11.51 -1.60
N ARG A 37 -29.60 -11.81 -2.70
CA ARG A 37 -28.29 -12.46 -2.65
C ARG A 37 -27.15 -11.50 -2.35
N GLU A 38 -26.05 -12.04 -1.81
CA GLU A 38 -24.87 -11.24 -1.50
C GLU A 38 -24.09 -10.88 -2.75
N LEU A 39 -23.63 -9.64 -2.84
CA LEU A 39 -22.78 -9.24 -3.94
C LEU A 39 -21.35 -9.70 -3.68
N ASP A 40 -20.97 -9.75 -2.41
CA ASP A 40 -19.63 -10.16 -2.04
C ASP A 40 -19.50 -11.67 -1.89
N ILE A 41 -19.89 -12.40 -2.93
CA ILE A 41 -19.72 -13.85 -2.87
C ILE A 41 -18.41 -14.27 -3.53
N TYR A 42 -17.82 -15.29 -2.95
CA TYR A 42 -16.50 -15.75 -3.34
C TYR A 42 -16.52 -16.84 -4.38
N ASN A 43 -15.56 -16.80 -5.29
CA ASN A 43 -15.31 -17.93 -6.18
C ASN A 43 -14.31 -18.81 -5.45
N ASN A 44 -13.81 -19.84 -6.11
CA ASN A 44 -12.89 -20.75 -5.43
C ASN A 44 -11.55 -20.15 -5.10
N LEU A 45 -11.23 -19.05 -5.76
CA LEU A 45 -10.00 -18.33 -5.50
C LEU A 45 -10.19 -17.33 -4.38
N ARG A 46 -11.37 -17.36 -3.77
CA ARG A 46 -11.74 -16.41 -2.72
C ARG A 46 -11.67 -14.95 -3.17
N GLN A 47 -12.16 -14.73 -4.38
CA GLN A 47 -12.30 -13.37 -4.92
C GLN A 47 -13.77 -13.02 -4.99
N THR A 48 -14.11 -11.78 -4.63
CA THR A 48 -15.44 -11.25 -4.85
C THR A 48 -15.40 -10.59 -6.21
N PRO A 49 -16.56 -10.32 -6.78
CA PRO A 49 -16.66 -9.56 -8.02
C PRO A 49 -15.93 -8.21 -7.92
N LEU A 50 -15.98 -7.55 -6.77
CA LEU A 50 -15.28 -6.28 -6.60
C LEU A 50 -13.75 -6.48 -6.67
N HIS A 51 -13.25 -7.54 -6.04
CA HIS A 51 -11.81 -7.85 -6.13
C HIS A 51 -11.43 -7.94 -7.61
N LEU A 52 -12.22 -8.69 -8.38
CA LEU A 52 -11.92 -8.90 -9.79
C LEU A 52 -12.04 -7.61 -10.62
N ALA A 53 -12.92 -6.71 -10.20
CA ALA A 53 -13.07 -5.43 -10.89
C ALA A 53 -11.79 -4.63 -10.77
N VAL A 54 -11.14 -4.74 -9.61
CA VAL A 54 -9.88 -4.05 -9.39
C VAL A 54 -8.75 -4.75 -10.18
N ILE A 55 -8.72 -6.09 -10.10
CA ILE A 55 -7.72 -6.88 -10.81
C ILE A 55 -7.78 -6.68 -12.34
N THR A 56 -8.97 -6.47 -12.86
CA THR A 56 -9.17 -6.28 -14.30
C THR A 56 -8.92 -4.81 -14.72
N THR A 57 -8.76 -3.95 -13.72
CA THR A 57 -8.65 -2.49 -13.90
C THR A 57 -9.88 -1.87 -14.58
N LEU A 58 -11.03 -2.00 -13.92
CA LEU A 58 -12.28 -1.46 -14.43
C LEU A 58 -12.87 -0.50 -13.41
N PRO A 59 -12.38 0.74 -13.38
CA PRO A 59 -12.84 1.72 -12.38
C PRO A 59 -14.35 1.98 -12.40
N SER A 60 -14.99 1.92 -13.58
CA SER A 60 -16.43 2.13 -13.66
C SER A 60 -17.20 0.98 -13.01
N VAL A 61 -16.67 -0.23 -13.12
CA VAL A 61 -17.31 -1.37 -12.47
C VAL A 61 -17.07 -1.31 -10.97
N VAL A 62 -15.88 -0.85 -10.59
CA VAL A 62 -15.57 -0.66 -9.17
C VAL A 62 -16.61 0.28 -8.54
N ARG A 63 -16.86 1.41 -9.20
CA ARG A 63 -17.83 2.39 -8.73
C ARG A 63 -19.22 1.80 -8.59
N LEU A 64 -19.64 1.05 -9.60
CA LEU A 64 -20.97 0.44 -9.63
C LEU A 64 -21.16 -0.53 -8.47
N LEU A 65 -20.20 -1.42 -8.27
CA LEU A 65 -20.29 -2.44 -7.23
C LEU A 65 -20.27 -1.84 -5.83
N VAL A 66 -19.36 -0.90 -5.60
CA VAL A 66 -19.25 -0.26 -4.29
C VAL A 66 -20.52 0.51 -3.94
N THR A 67 -21.04 1.27 -4.91
CA THR A 67 -22.29 2.00 -4.69
C THR A 67 -23.44 1.03 -4.44
N ALA A 68 -23.38 -0.15 -5.07
CA ALA A 68 -24.39 -1.18 -4.90
C ALA A 68 -24.28 -1.91 -3.56
N GLY A 69 -23.19 -1.67 -2.83
CA GLY A 69 -23.05 -2.26 -1.49
C GLY A 69 -21.91 -3.25 -1.32
N ALA A 70 -21.14 -3.49 -2.37
CA ALA A 70 -19.99 -4.38 -2.25
C ALA A 70 -18.99 -3.76 -1.28
N SER A 71 -18.50 -4.57 -0.35
CA SER A 71 -17.61 -4.07 0.70
C SER A 71 -16.15 -3.97 0.27
N PRO A 72 -15.59 -2.79 0.43
CA PRO A 72 -14.18 -2.56 0.12
C PRO A 72 -13.27 -3.24 1.13
N MET A 73 -13.83 -3.79 2.21
CA MET A 73 -13.05 -4.47 3.25
C MET A 73 -13.08 -6.01 3.15
N ALA A 74 -13.83 -6.53 2.19
CA ALA A 74 -13.86 -7.98 1.96
C ALA A 74 -12.45 -8.44 1.63
N LEU A 75 -12.01 -9.51 2.27
CA LEU A 75 -10.63 -9.96 2.07
C LEU A 75 -10.54 -11.03 1.01
N ASP A 76 -9.48 -10.99 0.21
CA ASP A 76 -9.21 -12.09 -0.73
C ASP A 76 -8.37 -13.18 -0.07
N ARG A 77 -7.88 -14.12 -0.88
CA ARG A 77 -7.13 -15.27 -0.36
C ARG A 77 -5.89 -14.87 0.45
N HIS A 78 -5.33 -13.71 0.15
CA HIS A 78 -4.14 -13.24 0.86
C HIS A 78 -4.44 -12.13 1.85
N GLY A 79 -5.72 -11.97 2.17
CA GLY A 79 -6.15 -10.96 3.13
C GLY A 79 -6.12 -9.54 2.57
N GLN A 80 -6.10 -9.43 1.25
CA GLN A 80 -6.07 -8.11 0.60
C GLN A 80 -7.46 -7.50 0.52
N THR A 81 -7.56 -6.21 0.85
CA THR A 81 -8.80 -5.48 0.64
C THR A 81 -8.75 -4.97 -0.78
N ALA A 82 -9.84 -4.36 -1.23
CA ALA A 82 -9.86 -3.80 -2.57
C ALA A 82 -8.79 -2.70 -2.72
N ALA A 83 -8.53 -1.94 -1.66
CA ALA A 83 -7.50 -0.91 -1.74
C ALA A 83 -6.11 -1.54 -1.91
N HIS A 84 -5.85 -2.63 -1.18
CA HIS A 84 -4.59 -3.36 -1.31
C HIS A 84 -4.39 -3.76 -2.77
N LEU A 85 -5.45 -4.29 -3.37
CA LEU A 85 -5.38 -4.82 -4.74
C LEU A 85 -5.15 -3.72 -5.77
N ALA A 86 -5.78 -2.56 -5.57
CA ALA A 86 -5.57 -1.43 -6.49
C ALA A 86 -4.11 -1.00 -6.47
N CYS A 87 -3.49 -1.05 -5.29
CA CYS A 87 -2.10 -0.67 -5.15
C CYS A 87 -1.18 -1.74 -5.75
N GLU A 88 -1.52 -2.99 -5.51
CA GLU A 88 -0.76 -4.09 -6.10
C GLU A 88 -0.74 -3.94 -7.61
N HIS A 89 -1.89 -3.58 -8.18
CA HIS A 89 -2.03 -3.51 -9.62
C HIS A 89 -1.72 -2.13 -10.19
N ARG A 90 -1.02 -1.31 -9.42
CA ARG A 90 -0.63 0.05 -9.84
C ARG A 90 -1.77 0.79 -10.55
N SER A 91 -2.93 0.84 -9.92
CA SER A 91 -4.10 1.43 -10.55
C SER A 91 -4.67 2.56 -9.72
N PRO A 92 -4.18 3.77 -9.98
CA PRO A 92 -4.64 4.97 -9.27
C PRO A 92 -6.10 5.24 -9.58
N THR A 93 -6.55 4.86 -10.78
CA THR A 93 -7.93 5.12 -11.16
C THR A 93 -8.89 4.24 -10.41
N CYS A 94 -8.50 2.98 -10.18
CA CYS A 94 -9.32 2.07 -9.38
C CYS A 94 -9.29 2.45 -7.91
N LEU A 95 -8.14 2.90 -7.44
CA LEU A 95 -8.01 3.35 -6.06
C LEU A 95 -8.91 4.57 -5.83
N ARG A 96 -8.91 5.47 -6.81
CA ARG A 96 -9.74 6.65 -6.73
C ARG A 96 -11.22 6.29 -6.75
N ALA A 97 -11.62 5.37 -7.63
CA ALA A 97 -13.01 4.95 -7.71
C ALA A 97 -13.47 4.35 -6.38
N LEU A 98 -12.62 3.53 -5.78
CA LEU A 98 -12.92 2.95 -4.47
C LEU A 98 -13.10 4.02 -3.41
N LEU A 99 -12.10 4.89 -3.27
CA LEU A 99 -12.13 5.88 -2.20
C LEU A 99 -13.29 6.86 -2.36
N ASP A 100 -13.61 7.20 -3.59
CA ASP A 100 -14.67 8.16 -3.85
C ASP A 100 -16.05 7.54 -3.72
N SER A 101 -16.16 6.24 -4.01
CA SER A 101 -17.44 5.58 -3.99
C SER A 101 -17.81 4.97 -2.64
N ALA A 102 -16.82 4.71 -1.79
CA ALA A 102 -17.09 4.09 -0.50
C ALA A 102 -17.84 5.02 0.44
N ALA A 103 -18.86 4.50 1.11
CA ALA A 103 -19.60 5.27 2.09
C ALA A 103 -18.68 5.51 3.29
N PRO A 104 -18.78 6.69 3.89
CA PRO A 104 -17.95 7.03 5.06
C PRO A 104 -18.07 5.97 6.13
N GLY A 105 -16.93 5.63 6.76
CA GLY A 105 -16.90 4.64 7.83
C GLY A 105 -16.86 3.19 7.40
N THR A 106 -16.66 2.95 6.10
CA THR A 106 -16.62 1.58 5.61
C THR A 106 -15.23 1.15 5.10
N LEU A 107 -14.40 2.11 4.72
CA LEU A 107 -13.09 1.77 4.16
C LEU A 107 -11.96 2.24 5.06
N ASP A 108 -11.19 1.30 5.59
CA ASP A 108 -10.07 1.65 6.49
C ASP A 108 -8.75 1.40 5.78
N LEU A 109 -7.98 2.46 5.57
CA LEU A 109 -6.70 2.34 4.87
C LEU A 109 -5.60 1.76 5.73
N GLU A 110 -5.88 1.52 7.01
CA GLU A 110 -4.89 0.91 7.87
C GLU A 110 -5.00 -0.62 7.87
N ALA A 111 -5.84 -1.16 6.99
CA ALA A 111 -6.02 -2.61 6.88
C ALA A 111 -4.69 -3.31 6.63
N ARG A 112 -4.45 -4.41 7.34
CA ARG A 112 -3.23 -5.18 7.17
C ARG A 112 -3.56 -6.51 6.47
N ASN A 113 -2.92 -6.79 5.35
CA ASN A 113 -3.15 -8.09 4.70
C ASN A 113 -2.51 -9.19 5.54
N TYR A 114 -2.59 -10.44 5.09
CA TYR A 114 -2.09 -11.55 5.89
C TYR A 114 -0.57 -11.47 6.13
N ASP A 115 0.15 -10.91 5.16
CA ASP A 115 1.58 -10.66 5.34
C ASP A 115 1.83 -9.58 6.40
N GLY A 116 0.85 -8.69 6.57
CA GLY A 116 0.92 -7.67 7.59
C GLY A 116 0.99 -6.24 7.06
N LEU A 117 1.08 -6.10 5.73
CA LEU A 117 1.26 -4.79 5.10
C LEU A 117 -0.02 -3.96 4.92
N THR A 118 0.11 -2.64 4.97
CA THR A 118 -0.99 -1.75 4.61
C THR A 118 -0.97 -1.54 3.11
N ALA A 119 -2.02 -0.92 2.59
CA ALA A 119 -2.04 -0.54 1.18
C ALA A 119 -0.87 0.39 0.87
N LEU A 120 -0.50 1.24 1.83
CA LEU A 120 0.61 2.19 1.64
C LEU A 120 1.94 1.47 1.45
N HIS A 121 2.18 0.42 2.25
CA HIS A 121 3.39 -0.39 2.14
C HIS A 121 3.46 -1.02 0.75
N VAL A 122 2.32 -1.54 0.28
CA VAL A 122 2.26 -2.18 -1.02
C VAL A 122 2.57 -1.17 -2.13
N ALA A 123 1.91 -0.02 -2.04
CA ALA A 123 2.09 1.04 -3.03
C ALA A 123 3.56 1.50 -3.09
N VAL A 124 4.17 1.69 -1.93
CA VAL A 124 5.57 2.09 -1.89
C VAL A 124 6.43 1.02 -2.56
N ASN A 125 6.16 -0.24 -2.26
CA ASN A 125 6.92 -1.33 -2.88
C ASN A 125 6.81 -1.42 -4.43
N THR A 126 5.69 -0.95 -5.00
CA THR A 126 5.50 -1.00 -6.46
C THR A 126 6.18 0.15 -7.20
N GLU A 127 6.60 1.17 -6.44
CA GLU A 127 7.26 2.34 -7.01
C GLU A 127 6.29 3.28 -7.75
N CYS A 128 4.99 3.13 -7.46
CA CYS A 128 3.96 3.97 -8.07
C CYS A 128 3.71 5.21 -7.23
N GLN A 129 4.16 6.36 -7.73
CA GLN A 129 3.99 7.59 -6.99
C GLN A 129 2.54 8.02 -6.91
N GLU A 130 1.74 7.61 -7.88
CA GLU A 130 0.36 8.05 -7.96
C GLU A 130 -0.52 7.44 -6.88
N THR A 131 -0.37 6.15 -6.64
CA THR A 131 -1.17 5.50 -5.60
C THR A 131 -0.71 5.94 -4.22
N VAL A 132 0.60 6.04 -4.04
CA VAL A 132 1.15 6.48 -2.76
C VAL A 132 0.61 7.86 -2.40
N GLN A 133 0.69 8.79 -3.35
CA GLN A 133 0.21 10.15 -3.10
C GLN A 133 -1.27 10.19 -2.75
N LEU A 134 -2.07 9.40 -3.47
CA LEU A 134 -3.51 9.41 -3.26
C LEU A 134 -3.86 8.84 -1.90
N LEU A 135 -3.17 7.76 -1.52
CA LEU A 135 -3.36 7.16 -0.20
C LEU A 135 -3.10 8.17 0.90
N LEU A 136 -1.99 8.89 0.81
CA LEU A 136 -1.63 9.87 1.83
C LEU A 136 -2.61 11.05 1.86
N GLU A 137 -3.04 11.49 0.68
CA GLU A 137 -4.03 12.55 0.60
C GLU A 137 -5.35 12.14 1.25
N ARG A 138 -5.64 10.84 1.23
CA ARG A 138 -6.89 10.36 1.80
C ARG A 138 -6.77 9.82 3.21
N GLY A 139 -5.67 10.11 3.90
CA GLY A 139 -5.56 9.77 5.31
C GLY A 139 -4.74 8.56 5.75
N ALA A 140 -4.07 7.89 4.81
CA ALA A 140 -3.23 6.74 5.18
C ALA A 140 -2.14 7.18 6.16
N ASP A 141 -1.95 6.41 7.21
CA ASP A 141 -0.93 6.68 8.23
C ASP A 141 0.45 6.48 7.61
N ILE A 142 1.19 7.57 7.41
CA ILE A 142 2.48 7.48 6.74
C ILE A 142 3.55 6.73 7.53
N ASP A 143 3.34 6.57 8.84
CA ASP A 143 4.29 5.89 9.69
C ASP A 143 3.85 4.49 10.14
N ALA A 144 2.80 3.95 9.51
CA ALA A 144 2.29 2.62 9.90
C ALA A 144 3.36 1.52 9.89
N VAL A 145 3.38 0.71 10.95
CA VAL A 145 4.38 -0.34 11.09
C VAL A 145 3.74 -1.72 11.09
N ASP A 146 4.07 -2.50 10.06
CA ASP A 146 3.59 -3.86 9.94
C ASP A 146 4.30 -4.78 10.95
N ILE A 147 3.58 -5.75 11.51
CA ILE A 147 4.16 -6.63 12.52
C ILE A 147 5.36 -7.46 12.03
N LYS A 148 5.22 -8.12 10.87
CA LYS A 148 6.29 -8.94 10.33
C LYS A 148 7.65 -8.22 10.34
N SER A 149 7.75 -7.12 9.61
CA SER A 149 9.02 -6.43 9.41
C SER A 149 9.38 -5.35 10.44
N GLY A 150 8.37 -4.80 11.12
CA GLY A 150 8.59 -3.72 12.07
C GLY A 150 9.10 -2.42 11.45
N ARG A 151 8.92 -2.27 10.14
CA ARG A 151 9.42 -1.10 9.41
C ARG A 151 8.31 -0.19 8.88
N SER A 152 8.53 1.13 8.99
CA SER A 152 7.63 2.11 8.39
C SER A 152 7.84 2.12 6.88
N PRO A 153 6.89 2.67 6.12
CA PRO A 153 7.04 2.78 4.66
C PRO A 153 8.35 3.46 4.25
N LEU A 154 8.81 4.42 5.04
CA LEU A 154 10.07 5.10 4.72
C LEU A 154 11.22 4.10 4.70
N ILE A 155 11.31 3.27 5.74
CA ILE A 155 12.38 2.28 5.82
C ILE A 155 12.29 1.27 4.65
N HIS A 156 11.06 0.92 4.27
CA HIS A 156 10.87 0.02 3.13
C HIS A 156 11.44 0.65 1.85
N ALA A 157 11.16 1.93 1.65
CA ALA A 157 11.66 2.64 0.47
C ALA A 157 13.18 2.70 0.44
N VAL A 158 13.78 2.88 1.62
CA VAL A 158 15.24 2.93 1.71
C VAL A 158 15.83 1.57 1.36
N GLU A 159 15.25 0.52 1.90
CA GLU A 159 15.76 -0.82 1.64
C GLU A 159 15.53 -1.24 0.18
N ASN A 160 14.52 -0.65 -0.46
CA ASN A 160 14.28 -0.87 -1.88
C ASN A 160 15.17 0.02 -2.74
N ASN A 161 15.99 0.85 -2.08
CA ASN A 161 16.83 1.82 -2.77
C ASN A 161 16.03 2.67 -3.75
N SER A 162 14.90 3.19 -3.29
CA SER A 162 14.06 4.06 -4.12
C SER A 162 14.16 5.51 -3.66
N LEU A 163 15.02 6.28 -4.30
CA LEU A 163 15.16 7.70 -3.96
C LEU A 163 13.83 8.45 -4.17
N SER A 164 13.08 8.06 -5.20
CA SER A 164 11.81 8.74 -5.45
C SER A 164 10.82 8.56 -4.31
N MET A 165 10.66 7.32 -3.84
CA MET A 165 9.72 7.05 -2.75
C MET A 165 10.19 7.71 -1.46
N VAL A 166 11.50 7.72 -1.24
CA VAL A 166 12.06 8.37 -0.05
C VAL A 166 11.72 9.85 -0.04
N GLN A 167 11.99 10.53 -1.15
CA GLN A 167 11.68 11.95 -1.26
C GLN A 167 10.18 12.23 -1.14
N LEU A 168 9.36 11.35 -1.72
CA LEU A 168 7.92 11.55 -1.68
C LEU A 168 7.38 11.43 -0.26
N LEU A 169 7.82 10.40 0.46
CA LEU A 169 7.33 10.19 1.82
C LEU A 169 7.79 11.32 2.75
N LEU A 170 9.05 11.74 2.63
CA LEU A 170 9.57 12.81 3.48
C LEU A 170 8.82 14.12 3.24
N GLN A 171 8.47 14.34 1.99
CA GLN A 171 7.72 15.51 1.57
C GLN A 171 6.32 15.52 2.20
N HIS A 172 5.81 14.33 2.51
CA HIS A 172 4.49 14.22 3.11
C HIS A 172 4.52 14.02 4.63
N GLY A 173 5.65 14.36 5.24
CA GLY A 173 5.78 14.37 6.69
C GLY A 173 6.16 13.06 7.38
N ALA A 174 6.75 12.13 6.65
CA ALA A 174 7.16 10.85 7.27
C ALA A 174 8.19 11.06 8.39
N ASN A 175 8.06 10.30 9.48
CA ASN A 175 9.01 10.38 10.58
C ASN A 175 10.35 9.84 10.12
N VAL A 176 11.30 10.73 9.90
CA VAL A 176 12.61 10.34 9.39
C VAL A 176 13.40 9.47 10.39
N ASN A 177 13.04 9.54 11.66
CA ASN A 177 13.75 8.77 12.69
C ASN A 177 13.04 7.50 13.17
N ALA A 178 12.10 6.99 12.38
CA ALA A 178 11.45 5.74 12.76
C ALA A 178 12.50 4.64 12.86
N GLN A 179 12.37 3.75 13.83
CA GLN A 179 13.31 2.65 14.01
C GLN A 179 12.65 1.29 13.84
N MET A 180 13.41 0.33 13.33
CA MET A 180 12.93 -1.04 13.24
C MET A 180 13.08 -1.69 14.61
N TYR A 181 12.72 -2.96 14.70
CA TYR A 181 12.81 -3.68 15.96
C TYR A 181 14.21 -3.59 16.58
N SER A 182 15.22 -3.71 15.73
CA SER A 182 16.62 -3.72 16.13
C SER A 182 17.14 -2.36 16.55
N GLY A 183 16.33 -1.32 16.34
CA GLY A 183 16.73 0.02 16.69
C GLY A 183 17.40 0.81 15.56
N SER A 184 17.56 0.19 14.41
CA SER A 184 18.14 0.86 13.24
C SER A 184 17.12 1.75 12.53
N SER A 185 17.59 2.89 12.04
CA SER A 185 16.72 3.82 11.32
C SER A 185 16.97 3.75 9.81
N ALA A 186 16.21 4.54 9.07
CA ALA A 186 16.41 4.63 7.62
C ALA A 186 17.86 5.02 7.33
N LEU A 187 18.42 5.88 8.18
CA LEU A 187 19.79 6.35 7.98
C LEU A 187 20.82 5.25 8.19
N HIS A 188 20.59 4.38 9.18
CA HIS A 188 21.46 3.23 9.39
C HIS A 188 21.50 2.39 8.12
N SER A 189 20.32 2.14 7.56
CA SER A 189 20.20 1.30 6.38
C SER A 189 20.92 1.89 5.17
N ALA A 190 20.64 3.15 4.87
CA ALA A 190 21.25 3.83 3.74
C ALA A 190 22.77 3.91 3.92
N SER A 191 23.18 4.18 5.16
CA SER A 191 24.60 4.33 5.48
C SER A 191 25.35 3.01 5.36
N GLY A 192 24.79 1.94 5.92
CA GLY A 192 25.43 0.65 5.90
C GLY A 192 25.55 0.07 4.51
N ARG A 193 24.64 0.47 3.63
CA ARG A 193 24.63 -0.07 2.26
C ARG A 193 25.27 0.85 1.22
N GLY A 194 25.78 1.99 1.65
CA GLY A 194 26.46 2.91 0.74
C GLY A 194 25.57 3.60 -0.29
N LEU A 195 24.29 3.74 0.04
CA LEU A 195 23.34 4.41 -0.86
C LEU A 195 23.47 5.92 -0.75
N LEU A 196 24.45 6.48 -1.45
CA LEU A 196 24.78 7.92 -1.32
C LEU A 196 23.63 8.92 -1.48
N PRO A 197 22.88 8.83 -2.58
CA PRO A 197 21.77 9.76 -2.81
C PRO A 197 20.77 9.74 -1.65
N LEU A 198 20.51 8.55 -1.12
CA LEU A 198 19.58 8.40 0.00
C LEU A 198 20.17 8.98 1.29
N VAL A 199 21.46 8.75 1.50
CA VAL A 199 22.13 9.32 2.66
C VAL A 199 22.01 10.84 2.62
N ARG A 200 22.28 11.42 1.45
CA ARG A 200 22.21 12.86 1.30
C ARG A 200 20.84 13.38 1.67
N THR A 201 19.80 12.81 1.06
CA THR A 201 18.43 13.22 1.28
C THR A 201 18.00 13.11 2.74
N LEU A 202 18.30 11.97 3.35
CA LEU A 202 17.90 11.74 4.73
C LEU A 202 18.58 12.73 5.68
N VAL A 203 19.89 12.94 5.50
CA VAL A 203 20.62 13.90 6.32
C VAL A 203 20.07 15.32 6.19
N ARG A 204 19.89 15.76 4.96
CA ARG A 204 19.34 17.09 4.64
C ARG A 204 17.93 17.25 5.25
N SER A 205 17.18 16.14 5.29
CA SER A 205 15.81 16.16 5.78
C SER A 205 15.72 16.09 7.29
N GLY A 206 16.87 16.01 7.95
CA GLY A 206 16.92 16.04 9.41
C GLY A 206 17.12 14.71 10.13
N ALA A 207 17.56 13.67 9.43
CA ALA A 207 17.77 12.38 10.08
C ALA A 207 18.77 12.51 11.23
N ASP A 208 18.47 11.85 12.35
CA ASP A 208 19.33 11.89 13.53
C ASP A 208 20.50 10.92 13.40
N SER A 209 21.69 11.46 13.19
CA SER A 209 22.89 10.64 12.98
C SER A 209 23.52 10.16 14.28
N SER A 210 22.97 10.57 15.42
CA SER A 210 23.49 10.15 16.72
C SER A 210 22.63 9.02 17.32
N LEU A 211 21.63 8.57 16.56
CA LEU A 211 20.73 7.52 17.03
C LEU A 211 21.43 6.15 17.08
N LYS A 212 21.41 5.52 18.25
CA LYS A 212 22.06 4.23 18.42
C LYS A 212 21.08 3.06 18.32
N ASN A 213 21.49 2.01 17.60
CA ASN A 213 20.68 0.79 17.50
C ASN A 213 21.05 -0.23 18.58
N CYS A 214 20.53 -1.45 18.45
CA CYS A 214 20.74 -2.47 19.48
C CYS A 214 22.18 -2.93 19.61
N HIS A 215 22.97 -2.68 18.57
CA HIS A 215 24.38 -3.05 18.55
C HIS A 215 25.21 -1.86 19.04
N ASN A 216 24.52 -0.82 19.49
CA ASN A 216 25.17 0.39 19.99
C ASN A 216 25.87 1.17 18.88
N ASP A 217 25.43 0.95 17.64
CA ASP A 217 25.99 1.63 16.48
C ASP A 217 25.15 2.84 16.06
N THR A 218 25.84 3.91 15.66
CA THR A 218 25.17 5.05 15.02
C THR A 218 25.34 4.82 13.52
N PRO A 219 24.60 5.54 12.69
CA PRO A 219 24.77 5.41 11.24
C PRO A 219 26.21 5.67 10.83
N LEU A 220 26.90 6.55 11.54
CA LEU A 220 28.31 6.84 11.24
C LEU A 220 29.14 5.57 11.44
N MET A 221 28.86 4.86 12.52
CA MET A 221 29.62 3.66 12.87
C MET A 221 29.41 2.47 11.93
N VAL A 222 28.32 2.46 11.18
CA VAL A 222 28.10 1.39 10.21
C VAL A 222 28.45 1.88 8.81
N ALA A 223 28.81 3.15 8.71
CA ALA A 223 29.13 3.76 7.42
C ALA A 223 29.99 2.85 6.60
N ARG A 224 29.59 2.64 5.36
CA ARG A 224 30.29 1.72 4.50
C ARG A 224 31.56 2.32 3.90
N SER A 225 31.46 3.54 3.39
CA SER A 225 32.57 4.13 2.67
C SER A 225 32.98 5.50 3.19
N ARG A 226 34.66 5.89 2.84
CA ARG A 226 34.95 7.26 3.26
C ARG A 226 33.87 8.20 2.75
N ARG A 227 32.96 8.08 1.56
CA ARG A 227 32.02 9.03 0.99
C ARG A 227 30.81 9.22 1.90
N VAL A 228 30.24 8.12 2.36
CA VAL A 228 29.09 8.17 3.27
C VAL A 228 29.52 8.88 4.54
N ILE A 229 30.65 8.47 5.08
CA ILE A 229 31.20 9.07 6.30
C ILE A 229 31.26 10.59 6.19
N ASP A 230 31.72 11.08 5.05
CA ASP A 230 31.91 12.50 4.87
C ASP A 230 30.60 13.28 4.73
N ILE A 231 29.58 12.63 4.17
CA ILE A 231 28.26 13.25 4.13
C ILE A 231 27.76 13.36 5.57
N LEU A 232 27.91 12.28 6.33
CA LEU A 232 27.45 12.25 7.72
C LEU A 232 28.13 13.29 8.63
N ARG A 233 29.40 13.63 8.36
CA ARG A 233 30.09 14.61 9.21
C ARG A 233 29.65 16.04 8.90
N GLY A 234 29.30 16.28 7.65
CA GLY A 234 28.90 17.61 7.22
C GLY A 234 30.10 18.46 6.82
#